data_7HL2
#
_entry.id   7HL2
#
_cell.length_a   82.585
_cell.length_b   116.027
_cell.length_c   146.713
_cell.angle_alpha   90.00
_cell.angle_beta   90.00
_cell.angle_gamma   90.00
#
_symmetry.space_group_name_H-M   'I 2 2 2'
#
loop_
_entity.id
_entity.type
_entity.pdbx_description
1 polymer 'Genome polyprotein'
2 non-polymer 'ZINC ION'
3 non-polymer '2-(N-MORPHOLINO)-ETHANESULFONIC ACID'
4 non-polymer 'DIMETHYL SULFOXIDE'
5 non-polymer 'PHOSPHATE ION'
6 non-polymer DI(HYDROXYETHYL)ETHER
7 non-polymer pyridazin-3(2H)-one
8 water water
#
_entity_poly.entity_id   1
_entity_poly.type   'polypeptide(L)'
_entity_poly.pdbx_seq_one_letter_code
;GPGIESETPNLDIIGKRIEKIKQEHETSWHYDQDHPYKTWAYHGSYETKQTGSASSMVNGVVRLLTKPWDIIPMVTQMAM
TDTTPFGQQRVFKEKVDTRTQEPKEGTKKLMKITAEWLWKELGKKKTPRMCTREEFTRKVRSNAALGAIFTDENKWKSAR
EAVEDSGFWELVDKERNLHLEGKCETCVYNMMGKREKKLGEFGKAKGSRAIWYMWLGARFLEFEALGFLNEDHWFSRENS
LSGVEGEGLHKLGYILRDVSKKEGGAMYADDTAGWDTRITLEDLKNEEMVTNHMEGEHKKLAEAIFKLTYQNKVVRVQRP
TPRGTVMDIISRRDQRGSGQVVTYGLNTFTNMEAQLIRQMEGEGVFKSIQHLTVTEEIAVKNWLVRVGRERLSRMAISGD
DCVVKPLDDRFASALTALNDMGKVRKDIQQWEPSRGWNDWTQVPFCSHHFHELIMKDGRVLVVPCRNQDELIGRARISQG
AGWSLRETACLGKSYAQMWSLMYFHRRDLRLAANAICSAVPSHWVPTSRTTWSIHATHEWMTTEDMLTVWNRVWIQENPW
MEDKTPVESWEEIPYLGKREDQWCGSLIGLTSRATWAKNIQTAINQVRSLIGNEEYTDYMPSMKRFRREEEEAGVLW
;
_entity_poly.pdbx_strand_id   A
#
loop_
_chem_comp.id
_chem_comp.type
_chem_comp.name
_chem_comp.formula
DMS non-polymer 'DIMETHYL SULFOXIDE' 'C2 H6 O S'
MES non-polymer '2-(N-MORPHOLINO)-ETHANESULFONIC ACID' 'C6 H13 N O4 S'
PEG non-polymer DI(HYDROXYETHYL)ETHER 'C4 H10 O3'
PO4 non-polymer 'PHOSPHATE ION' 'O4 P -3'
W3G non-polymer pyridazin-3(2H)-one 'C4 H4 N2 O'
ZN non-polymer 'ZINC ION' 'Zn 2'
#
# COMPACT_ATOMS: atom_id res chain seq x y z
N ASN A 10 2.40 -9.27 30.29
CA ASN A 10 0.91 -9.11 30.41
C ASN A 10 0.65 -7.74 31.10
N LEU A 11 -0.16 -7.71 32.17
CA LEU A 11 -0.80 -6.46 32.69
C LEU A 11 0.23 -5.49 33.25
N ASP A 12 1.44 -5.94 33.53
CA ASP A 12 2.54 -5.04 33.99
C ASP A 12 2.89 -4.07 32.85
N ILE A 13 2.82 -4.52 31.59
CA ILE A 13 3.20 -3.73 30.38
C ILE A 13 2.00 -2.89 29.88
N ILE A 14 0.76 -3.37 30.06
CA ILE A 14 -0.46 -2.72 29.50
C ILE A 14 -1.27 -2.00 30.58
N GLY A 15 -1.14 -2.38 31.87
CA GLY A 15 -1.92 -1.87 33.01
C GLY A 15 -2.02 -0.36 33.02
N LYS A 16 -0.88 0.32 32.88
CA LYS A 16 -0.76 1.79 33.04
C LYS A 16 -1.66 2.46 32.00
N ARG A 17 -1.58 2.01 30.74
CA ARG A 17 -2.44 2.50 29.63
C ARG A 17 -3.90 2.31 30.03
N ILE A 18 -4.24 1.11 30.53
CA ILE A 18 -5.62 0.70 30.88
C ILE A 18 -6.11 1.55 32.06
N GLU A 19 -5.34 1.60 33.15
CA GLU A 19 -5.66 2.37 34.38
C GLU A 19 -5.98 3.82 34.01
N LYS A 20 -5.17 4.44 33.14
CA LYS A 20 -5.29 5.86 32.75
C LYS A 20 -6.62 6.13 32.04
N ILE A 21 -7.03 5.20 31.17
CA ILE A 21 -8.30 5.29 30.39
C ILE A 21 -9.45 5.16 31.38
N LYS A 22 -9.44 4.10 32.20
CA LYS A 22 -10.49 3.83 33.22
C LYS A 22 -10.80 5.11 34.00
N GLN A 23 -9.77 5.88 34.37
CA GLN A 23 -9.89 7.11 35.22
C GLN A 23 -10.50 8.28 34.44
N GLU A 24 -10.37 8.34 33.11
CA GLU A 24 -11.02 9.41 32.29
C GLU A 24 -12.51 9.10 32.08
N HIS A 25 -12.97 7.92 32.51
CA HIS A 25 -14.36 7.43 32.35
C HIS A 25 -14.79 6.65 33.60
N GLU A 26 -14.33 7.08 34.79
CA GLU A 26 -14.58 6.43 36.11
C GLU A 26 -16.07 6.49 36.43
N THR A 27 -16.78 7.45 35.82
CA THR A 27 -18.26 7.61 35.89
C THR A 27 -18.98 6.56 35.01
N SER A 28 -18.26 5.70 34.27
CA SER A 28 -18.85 4.79 33.23
C SER A 28 -18.36 3.35 33.29
N TRP A 29 -17.31 3.01 34.05
CA TRP A 29 -16.58 1.72 33.94
C TRP A 29 -17.52 0.55 34.25
N HIS A 30 -17.20 -0.66 33.77
CA HIS A 30 -17.88 -1.95 34.10
C HIS A 30 -17.30 -3.12 33.31
N TYR A 31 -17.23 -4.32 33.90
CA TYR A 31 -16.81 -5.57 33.23
C TYR A 31 -18.02 -6.32 32.67
N ASP A 32 -18.56 -5.85 31.54
CA ASP A 32 -19.71 -6.46 30.81
C ASP A 32 -19.42 -7.95 30.55
N GLN A 33 -20.31 -8.83 31.02
CA GLN A 33 -20.12 -10.31 31.02
C GLN A 33 -20.46 -10.87 29.63
N ASP A 34 -21.30 -10.17 28.87
CA ASP A 34 -21.64 -10.55 27.46
C ASP A 34 -20.81 -9.67 26.51
N HIS A 35 -19.48 -9.83 26.56
CA HIS A 35 -18.50 -9.30 25.56
C HIS A 35 -18.24 -10.38 24.52
N PRO A 36 -18.15 -10.03 23.22
CA PRO A 36 -17.95 -11.02 22.16
C PRO A 36 -16.55 -11.63 21.99
N TYR A 37 -15.54 -11.08 22.69
CA TYR A 37 -14.10 -11.39 22.47
C TYR A 37 -13.78 -12.76 23.04
N LYS A 38 -13.21 -13.64 22.20
CA LYS A 38 -12.60 -14.93 22.63
C LYS A 38 -11.07 -14.79 22.57
N THR A 39 -10.52 -14.36 21.43
CA THR A 39 -9.06 -14.37 21.12
C THR A 39 -8.36 -13.11 21.63
N TRP A 40 -9.11 -12.02 21.80
CA TRP A 40 -8.66 -10.78 22.47
C TRP A 40 -8.89 -10.90 23.97
N ALA A 41 -7.93 -10.46 24.79
CA ALA A 41 -8.10 -10.19 26.23
C ALA A 41 -9.02 -8.96 26.36
N TYR A 42 -10.00 -9.06 27.25
CA TYR A 42 -11.06 -8.04 27.49
C TYR A 42 -10.86 -7.50 28.91
N HIS A 43 -10.94 -6.18 29.07
CA HIS A 43 -10.59 -5.49 30.35
C HIS A 43 -11.80 -4.71 30.91
N GLY A 44 -12.51 -3.96 30.07
CA GLY A 44 -13.65 -3.15 30.55
C GLY A 44 -14.30 -2.34 29.47
N SER A 45 -15.19 -1.41 29.86
CA SER A 45 -16.12 -0.68 28.96
C SER A 45 -16.56 0.65 29.60
N TYR A 46 -16.95 1.62 28.75
CA TYR A 46 -17.40 2.98 29.15
C TYR A 46 -18.32 3.57 28.05
N GLU A 47 -18.81 4.80 28.24
CA GLU A 47 -19.97 5.42 27.52
C GLU A 47 -19.47 6.36 26.41
N THR A 48 -19.95 6.16 25.17
CA THR A 48 -19.60 6.97 23.97
C THR A 48 -20.82 7.00 23.03
N LYS A 49 -20.72 7.72 21.90
CA LYS A 49 -21.76 7.80 20.83
C LYS A 49 -21.22 8.61 19.64
N GLN A 50 -21.06 7.98 18.46
CA GLN A 50 -20.59 8.62 17.20
C GLN A 50 -20.32 7.54 16.14
N THR A 51 -19.96 7.96 14.91
CA THR A 51 -19.89 7.12 13.68
C THR A 51 -19.51 5.68 14.02
N ALA A 54 -17.65 8.68 8.14
CA ALA A 54 -17.16 9.18 6.84
C ALA A 54 -17.33 8.10 5.75
N SER A 55 -18.49 8.07 5.09
CA SER A 55 -18.80 7.19 3.92
C SER A 55 -18.30 7.87 2.64
N SER A 56 -18.42 7.20 1.50
CA SER A 56 -17.86 7.64 0.18
C SER A 56 -18.81 8.64 -0.49
N MET A 57 -18.28 9.79 -0.89
CA MET A 57 -19.02 10.84 -1.64
C MET A 57 -18.66 10.77 -3.14
N VAL A 58 -19.54 11.17 -4.03
CA VAL A 58 -19.20 11.18 -5.48
C VAL A 58 -18.54 12.50 -5.87
N ASN A 59 -17.47 12.42 -6.67
CA ASN A 59 -16.85 13.53 -7.41
C ASN A 59 -17.68 13.87 -8.66
N GLY A 60 -18.40 14.98 -8.61
CA GLY A 60 -19.33 15.43 -9.66
C GLY A 60 -18.61 15.87 -10.91
N VAL A 61 -17.42 16.42 -10.79
CA VAL A 61 -16.67 16.82 -12.02
C VAL A 61 -16.39 15.55 -12.84
N VAL A 62 -15.80 14.53 -12.24
CA VAL A 62 -15.45 13.25 -12.96
C VAL A 62 -16.75 12.58 -13.47
N ARG A 63 -17.80 12.50 -12.66
CA ARG A 63 -19.04 11.81 -13.09
C ARG A 63 -19.70 12.53 -14.29
N LEU A 64 -19.74 13.87 -14.30
CA LEU A 64 -20.40 14.61 -15.42
C LEU A 64 -19.64 14.34 -16.71
N LEU A 65 -18.34 14.05 -16.64
CA LEU A 65 -17.51 13.84 -17.86
C LEU A 65 -17.35 12.33 -18.17
N THR A 66 -18.04 11.44 -17.44
CA THR A 66 -18.02 9.98 -17.72
C THR A 66 -19.47 9.42 -17.78
N LYS A 67 -20.35 10.05 -18.54
CA LYS A 67 -21.78 9.74 -18.54
C LYS A 67 -22.08 8.29 -18.97
N PRO A 68 -21.39 7.67 -19.94
CA PRO A 68 -21.73 6.30 -20.35
C PRO A 68 -21.66 5.33 -19.16
N TRP A 69 -20.86 5.66 -18.15
CA TRP A 69 -20.58 4.76 -17.01
C TRP A 69 -21.68 4.89 -15.94
N ASP A 70 -22.61 5.85 -16.09
CA ASP A 70 -23.75 6.02 -15.15
C ASP A 70 -24.64 4.78 -15.14
N ILE A 71 -24.57 3.92 -16.15
CA ILE A 71 -25.48 2.74 -16.28
C ILE A 71 -24.70 1.42 -16.09
N ILE A 72 -23.41 1.47 -15.72
CA ILE A 72 -22.53 0.28 -15.51
C ILE A 72 -22.51 -0.03 -14.00
N PRO A 73 -23.21 -1.09 -13.56
CA PRO A 73 -23.27 -1.43 -12.14
C PRO A 73 -21.90 -1.54 -11.45
N MET A 74 -20.87 -2.03 -12.13
CA MET A 74 -19.52 -2.18 -11.53
C MET A 74 -18.97 -0.78 -11.17
N VAL A 75 -19.33 0.25 -11.92
CA VAL A 75 -18.87 1.64 -11.64
C VAL A 75 -19.73 2.20 -10.51
N THR A 76 -21.06 2.12 -10.63
CA THR A 76 -22.03 2.89 -9.81
C THR A 76 -22.15 2.29 -8.41
N GLN A 77 -21.98 0.97 -8.28
CA GLN A 77 -22.05 0.27 -6.96
C GLN A 77 -20.81 0.57 -6.13
N MET A 78 -19.67 0.86 -6.76
CA MET A 78 -18.40 1.13 -6.03
C MET A 78 -18.66 2.30 -5.08
N ALA A 79 -19.61 3.17 -5.43
CA ALA A 79 -19.86 4.44 -4.72
C ALA A 79 -20.87 4.28 -3.57
N MET A 80 -21.48 3.10 -3.37
CA MET A 80 -22.56 2.90 -2.35
C MET A 80 -21.97 2.29 -1.07
N THR A 81 -22.65 2.45 0.08
CA THR A 81 -22.51 1.62 1.29
C THR A 81 -21.78 2.32 2.43
N PHE A 92 -12.96 -7.95 7.18
CA PHE A 92 -13.62 -8.86 8.16
C PHE A 92 -13.18 -8.49 9.58
N LYS A 93 -14.02 -7.78 10.35
CA LYS A 93 -13.83 -7.56 11.81
C LYS A 93 -14.16 -8.87 12.54
N GLU A 94 -14.72 -9.83 11.81
CA GLU A 94 -14.91 -11.24 12.22
C GLU A 94 -13.80 -12.11 11.60
N LYS A 95 -12.66 -11.48 11.30
CA LYS A 95 -11.33 -12.12 11.05
C LYS A 95 -10.29 -11.57 12.04
N VAL A 96 -10.48 -10.35 12.56
CA VAL A 96 -9.59 -9.75 13.60
C VAL A 96 -9.72 -10.54 14.91
N ASP A 97 -10.92 -11.05 15.21
CA ASP A 97 -11.14 -12.03 16.31
C ASP A 97 -10.92 -13.45 15.73
N THR A 98 -9.65 -13.83 15.55
CA THR A 98 -9.15 -15.21 15.27
C THR A 98 -7.74 -15.36 15.88
N ARG A 99 -7.25 -16.59 16.03
CA ARG A 99 -5.90 -16.89 16.60
C ARG A 99 -5.09 -17.69 15.57
N THR A 100 -3.77 -17.48 15.51
CA THR A 100 -2.83 -18.40 14.82
C THR A 100 -2.08 -19.23 15.87
N GLN A 101 -1.89 -20.52 15.61
CA GLN A 101 -1.04 -21.44 16.43
C GLN A 101 0.42 -20.98 16.31
N GLU A 102 1.25 -21.27 17.30
CA GLU A 102 2.71 -20.98 17.21
C GLU A 102 3.36 -22.02 16.27
N PRO A 103 4.20 -21.59 15.31
CA PRO A 103 4.89 -22.53 14.44
C PRO A 103 5.65 -23.60 15.25
N LYS A 104 5.93 -24.74 14.61
CA LYS A 104 6.86 -25.79 15.12
C LYS A 104 8.26 -25.21 15.31
N GLU A 105 9.15 -26.00 15.91
CA GLU A 105 10.49 -25.56 16.35
C GLU A 105 11.38 -25.45 15.11
N GLY A 106 11.21 -26.34 14.14
CA GLY A 106 11.96 -26.32 12.86
C GLY A 106 11.60 -25.07 12.06
N THR A 107 10.32 -24.72 11.99
CA THR A 107 9.81 -23.47 11.36
C THR A 107 10.43 -22.24 12.05
N LYS A 108 10.34 -22.15 13.39
CA LYS A 108 10.91 -21.04 14.19
C LYS A 108 12.42 -20.89 13.92
N LYS A 109 13.16 -21.98 13.76
CA LYS A 109 14.61 -21.93 13.49
C LYS A 109 14.88 -21.30 12.11
N LEU A 110 14.11 -21.73 11.08
CA LEU A 110 14.28 -21.30 9.66
C LEU A 110 14.05 -19.80 9.59
N MET A 111 13.01 -19.33 10.26
CA MET A 111 12.55 -17.92 10.30
C MET A 111 13.60 -17.04 11.00
N LYS A 112 14.19 -17.49 12.11
CA LYS A 112 15.21 -16.73 12.89
C LYS A 112 16.49 -16.62 12.05
N ILE A 113 16.95 -17.72 11.44
CA ILE A 113 18.18 -17.73 10.60
C ILE A 113 17.99 -16.83 9.38
N THR A 114 16.82 -16.92 8.73
CA THR A 114 16.53 -16.16 7.48
C THR A 114 16.42 -14.68 7.83
N ALA A 115 15.70 -14.34 8.91
CA ALA A 115 15.49 -12.95 9.37
C ALA A 115 16.84 -12.31 9.72
N GLU A 116 17.68 -13.02 10.48
CA GLU A 116 19.04 -12.56 10.86
C GLU A 116 19.80 -12.20 9.59
N TRP A 117 19.89 -13.13 8.63
CA TRP A 117 20.60 -12.95 7.35
C TRP A 117 19.98 -11.77 6.56
N LEU A 118 18.65 -11.61 6.60
CA LEU A 118 17.96 -10.62 5.72
C LEU A 118 18.22 -9.20 6.24
N TRP A 119 18.07 -8.95 7.54
CA TRP A 119 18.43 -7.66 8.18
C TRP A 119 19.91 -7.31 7.91
N LYS A 120 20.83 -8.26 7.95
CA LYS A 120 22.25 -8.01 7.58
C LYS A 120 22.32 -7.54 6.13
N GLU A 121 21.64 -8.21 5.19
CA GLU A 121 21.74 -7.83 3.75
C GLU A 121 21.17 -6.43 3.53
N LEU A 122 20.02 -6.13 4.14
CA LEU A 122 19.32 -4.83 3.95
C LEU A 122 20.18 -3.72 4.58
N GLY A 123 20.97 -4.08 5.60
CA GLY A 123 21.86 -3.16 6.34
C GLY A 123 23.20 -2.92 5.66
N LYS A 124 23.67 -3.76 4.73
CA LYS A 124 25.07 -3.61 4.21
C LYS A 124 25.32 -2.18 3.70
N LYS A 125 24.35 -1.56 3.03
CA LYS A 125 24.54 -0.26 2.36
C LYS A 125 23.61 0.81 2.95
N LYS A 126 23.07 0.60 4.14
CA LYS A 126 22.14 1.56 4.80
C LYS A 126 22.55 1.69 6.25
N THR A 127 22.25 2.86 6.85
CA THR A 127 22.51 3.14 8.29
C THR A 127 21.21 3.48 9.00
N PRO A 128 20.74 2.64 9.93
CA PRO A 128 19.57 2.99 10.73
C PRO A 128 19.80 4.36 11.41
N ARG A 129 18.75 5.12 11.59
CA ARG A 129 18.85 6.49 12.15
C ARG A 129 17.46 6.98 12.53
N MET A 130 17.39 7.95 13.45
CA MET A 130 16.10 8.52 13.94
C MET A 130 15.57 9.51 12.91
N CYS A 131 14.26 9.54 12.74
CA CYS A 131 13.58 10.59 11.94
C CYS A 131 13.22 11.75 12.90
N THR A 132 13.08 12.96 12.36
CA THR A 132 13.09 14.21 13.18
C THR A 132 11.69 14.82 13.24
N ARG A 133 11.37 15.52 14.34
CA ARG A 133 10.21 16.44 14.44
C ARG A 133 10.11 17.22 13.12
N GLU A 134 11.24 17.76 12.67
CA GLU A 134 11.33 18.60 11.46
C GLU A 134 10.81 17.81 10.25
N GLU A 135 11.15 16.53 10.11
CA GLU A 135 10.69 15.65 8.99
C GLU A 135 9.19 15.33 9.14
N PHE A 136 8.74 15.03 10.36
CA PHE A 136 7.33 14.66 10.69
C PHE A 136 6.42 15.87 10.48
N THR A 137 6.85 17.04 11.00
CA THR A 137 6.19 18.37 10.82
C THR A 137 6.01 18.65 9.33
N ARG A 138 7.00 18.34 8.52
CA ARG A 138 6.95 18.57 7.04
C ARG A 138 5.97 17.58 6.41
N LYS A 139 5.85 16.38 6.97
CA LYS A 139 4.95 15.33 6.44
C LYS A 139 3.49 15.78 6.57
N VAL A 140 3.09 16.23 7.77
CA VAL A 140 1.68 16.62 8.05
C VAL A 140 1.36 17.85 7.18
N ARG A 141 2.31 18.79 7.09
CA ARG A 141 2.15 20.10 6.40
C ARG A 141 1.95 19.88 4.88
N SER A 142 2.39 18.74 4.34
CA SER A 142 2.26 18.38 2.90
C SER A 142 1.29 17.21 2.71
N ASN A 143 0.48 16.91 3.74
CA ASN A 143 -0.71 16.02 3.69
C ASN A 143 -0.33 14.61 3.21
N ALA A 144 0.29 13.82 4.09
CA ALA A 144 0.40 12.34 3.98
C ALA A 144 -0.70 11.72 4.85
N ALA A 145 -1.15 10.51 4.52
CA ALA A 145 -2.14 9.74 5.30
C ALA A 145 -1.43 9.01 6.45
N LEU A 146 -1.31 9.67 7.61
CA LEU A 146 -0.55 9.16 8.80
C LEU A 146 -1.47 8.30 9.68
N GLY A 147 -2.79 8.48 9.56
CA GLY A 147 -3.81 7.66 10.24
C GLY A 147 -3.84 7.90 11.74
N ALA A 148 -3.97 9.17 12.15
CA ALA A 148 -4.03 9.61 13.58
C ALA A 148 -5.46 10.08 13.92
N ILE A 149 -5.75 10.28 15.22
CA ILE A 149 -7.07 10.77 15.72
C ILE A 149 -6.97 12.28 16.00
N PHE A 150 -8.06 13.02 15.80
CA PHE A 150 -8.15 14.51 15.93
C PHE A 150 -7.97 14.92 17.40
N ASN A 154 -10.12 14.69 22.40
CA ASN A 154 -9.46 15.68 21.50
C ASN A 154 -8.96 16.88 22.34
N LYS A 155 -8.03 17.65 21.78
CA LYS A 155 -7.35 18.81 22.43
C LYS A 155 -7.06 19.88 21.37
N TRP A 156 -6.51 19.50 20.20
CA TRP A 156 -6.37 20.33 18.97
C TRP A 156 -7.36 19.87 17.90
N LYS A 157 -7.59 20.72 16.90
CA LYS A 157 -8.48 20.43 15.74
C LYS A 157 -7.81 19.38 14.85
N SER A 158 -6.90 19.83 13.97
CA SER A 158 -6.29 19.04 12.87
C SER A 158 -4.92 18.51 13.32
N ALA A 159 -4.24 17.78 12.42
CA ALA A 159 -2.84 17.34 12.57
C ALA A 159 -1.91 18.56 12.43
N ARG A 160 -2.20 19.44 11.48
CA ARG A 160 -1.41 20.67 11.20
C ARG A 160 -1.24 21.49 12.48
N GLU A 161 -2.33 21.74 13.21
CA GLU A 161 -2.38 22.62 14.42
C GLU A 161 -1.42 22.12 15.50
N ALA A 162 -1.57 20.86 15.93
CA ALA A 162 -0.89 20.23 17.08
C ALA A 162 0.63 20.22 16.88
N VAL A 163 1.05 20.15 15.61
CA VAL A 163 2.48 20.12 15.17
C VAL A 163 3.10 21.49 15.43
N GLU A 164 2.31 22.56 15.36
CA GLU A 164 2.74 23.97 15.50
C GLU A 164 2.61 24.45 16.95
N ASP A 165 2.33 23.55 17.90
CA ASP A 165 2.20 23.84 19.35
C ASP A 165 3.30 23.10 20.12
N SER A 166 3.77 23.68 21.23
CA SER A 166 4.87 23.17 22.08
C SER A 166 4.32 22.25 23.19
N GLY A 167 3.10 22.49 23.65
CA GLY A 167 2.39 21.64 24.64
C GLY A 167 2.36 20.19 24.19
N PHE A 168 1.93 19.97 22.95
CA PHE A 168 2.00 18.68 22.21
C PHE A 168 3.36 18.03 22.47
N TRP A 169 4.45 18.69 22.06
CA TRP A 169 5.82 18.14 22.12
C TRP A 169 6.22 17.86 23.58
N GLU A 170 5.54 18.46 24.56
CA GLU A 170 5.74 18.13 25.99
C GLU A 170 5.08 16.77 26.28
N LEU A 171 3.88 16.56 25.74
CA LEU A 171 3.16 15.26 25.82
C LEU A 171 4.06 14.18 25.18
N VAL A 172 4.50 14.45 23.95
CA VAL A 172 5.51 13.64 23.21
C VAL A 172 6.73 13.43 24.11
N ASP A 173 7.39 14.52 24.52
CA ASP A 173 8.58 14.49 25.42
C ASP A 173 8.26 13.60 26.63
N LYS A 174 7.08 13.76 27.25
CA LYS A 174 6.70 12.96 28.44
C LYS A 174 6.70 11.47 28.07
N GLU A 175 5.91 11.07 27.08
CA GLU A 175 5.77 9.65 26.66
C GLU A 175 7.15 9.10 26.28
N ARG A 176 7.93 9.90 25.55
CA ARG A 176 9.28 9.50 25.08
C ARG A 176 10.12 9.03 26.27
N ASN A 177 10.24 9.84 27.34
CA ASN A 177 11.07 9.50 28.54
C ASN A 177 10.49 8.28 29.23
N LEU A 178 9.16 8.08 29.18
CA LEU A 178 8.52 6.82 29.65
C LEU A 178 9.04 5.62 28.84
N HIS A 179 9.16 5.75 27.52
CA HIS A 179 9.68 4.68 26.62
C HIS A 179 11.12 4.30 27.01
N LEU A 180 11.99 5.28 27.28
CA LEU A 180 13.41 5.04 27.69
C LEU A 180 13.44 4.31 29.03
N GLU A 181 12.50 4.63 29.93
CA GLU A 181 12.25 3.93 31.23
C GLU A 181 11.60 2.56 30.98
N GLY A 182 11.25 2.21 29.73
CA GLY A 182 10.64 0.91 29.35
C GLY A 182 9.17 0.82 29.75
N LYS A 183 8.45 1.93 29.77
CA LYS A 183 7.02 1.99 30.18
C LYS A 183 6.22 2.73 29.11
N CYS A 184 4.89 2.59 29.09
CA CYS A 184 3.96 3.23 28.11
C CYS A 184 2.67 3.71 28.81
N GLU A 185 2.17 4.90 28.43
CA GLU A 185 0.96 5.54 29.01
C GLU A 185 -0.10 5.83 27.93
N THR A 186 0.26 6.45 26.80
CA THR A 186 -0.73 7.03 25.87
C THR A 186 -0.77 6.33 24.50
N CYS A 187 -0.01 5.25 24.29
CA CYS A 187 0.10 4.56 22.95
C CYS A 187 -0.96 3.46 22.80
N VAL A 188 -2.15 3.88 22.37
CA VAL A 188 -3.36 3.01 22.30
C VAL A 188 -3.90 3.01 20.86
N TYR A 189 -4.31 1.85 20.37
CA TYR A 189 -4.96 1.68 19.04
C TYR A 189 -6.47 1.94 19.17
N ASN A 190 -7.02 2.67 18.19
CA ASN A 190 -8.48 2.84 17.97
C ASN A 190 -8.87 2.10 16.68
N MET A 191 -9.68 1.03 16.79
CA MET A 191 -10.08 0.12 15.68
C MET A 191 -11.28 0.71 14.94
N MET A 192 -11.40 0.45 13.63
CA MET A 192 -12.46 1.03 12.75
C MET A 192 -12.59 0.22 11.46
N SER A 208 -12.00 -6.52 3.75
CA SER A 208 -10.74 -7.17 4.19
C SER A 208 -9.73 -6.11 4.67
N ARG A 209 -10.20 -5.08 5.39
CA ARG A 209 -9.34 -4.00 5.97
C ARG A 209 -9.91 -3.62 7.35
N ALA A 210 -9.11 -2.94 8.17
CA ALA A 210 -9.50 -2.32 9.47
C ALA A 210 -8.38 -1.38 9.93
N ILE A 211 -8.58 -0.07 9.80
CA ILE A 211 -7.52 0.95 10.05
C ILE A 211 -7.48 1.24 11.55
N TRP A 212 -6.34 1.00 12.20
CA TRP A 212 -6.11 1.26 13.63
C TRP A 212 -5.44 2.64 13.79
N TYR A 213 -6.25 3.71 13.87
CA TYR A 213 -5.78 5.08 14.16
C TYR A 213 -5.15 5.12 15.57
N MET A 214 -4.04 5.87 15.72
CA MET A 214 -3.40 6.19 17.02
C MET A 214 -3.38 7.71 17.16
N TRP A 215 -3.25 8.24 18.37
CA TRP A 215 -3.12 9.71 18.54
C TRP A 215 -1.78 10.17 17.93
N LEU A 216 -1.74 11.39 17.42
CA LEU A 216 -0.68 11.91 16.53
C LEU A 216 0.68 11.72 17.22
N GLY A 217 0.72 11.89 18.54
CA GLY A 217 1.91 11.73 19.40
C GLY A 217 2.52 10.35 19.30
N ALA A 218 1.71 9.31 19.44
CA ALA A 218 2.10 7.88 19.31
C ALA A 218 2.67 7.61 17.91
N ARG A 219 2.11 8.24 16.88
CA ARG A 219 2.55 8.16 15.47
C ARG A 219 3.91 8.82 15.29
N PHE A 220 4.16 9.95 15.97
CA PHE A 220 5.49 10.58 15.96
C PHE A 220 6.56 9.59 16.44
N LEU A 221 6.33 8.97 17.58
CA LEU A 221 7.33 8.11 18.25
C LEU A 221 7.59 6.85 17.41
N GLU A 222 6.54 6.33 16.76
CA GLU A 222 6.71 5.22 15.80
C GLU A 222 7.61 5.72 14.65
N PHE A 223 7.32 6.90 14.10
CA PHE A 223 8.01 7.45 12.91
C PHE A 223 9.47 7.76 13.25
N GLU A 224 9.70 8.27 14.46
CA GLU A 224 11.06 8.60 14.97
C GLU A 224 11.93 7.33 15.00
N ALA A 225 11.39 6.23 15.50
CA ALA A 225 12.14 4.97 15.69
C ALA A 225 12.29 4.16 14.40
N LEU A 226 11.29 4.14 13.52
CA LEU A 226 11.23 3.15 12.38
C LEU A 226 10.93 3.82 11.04
N GLY A 227 10.77 5.14 11.00
CA GLY A 227 10.55 5.91 9.75
C GLY A 227 11.70 5.73 8.77
N PHE A 228 12.90 5.48 9.27
CA PHE A 228 14.09 5.32 8.37
C PHE A 228 13.82 4.24 7.32
N LEU A 229 13.07 3.17 7.64
CA LEU A 229 12.82 2.03 6.70
C LEU A 229 12.22 2.56 5.40
N ASN A 230 11.26 3.48 5.52
CA ASN A 230 10.59 4.10 4.35
C ASN A 230 11.38 5.33 3.86
N GLU A 231 11.69 6.24 4.79
CA GLU A 231 12.37 7.53 4.47
C GLU A 231 13.67 7.24 3.70
N ASP A 232 14.41 6.18 4.05
CA ASP A 232 15.74 5.87 3.43
C ASP A 232 15.65 4.65 2.50
N HIS A 233 14.45 4.21 2.13
CA HIS A 233 14.24 3.30 0.96
C HIS A 233 14.96 1.96 1.20
N TRP A 234 14.79 1.36 2.37
CA TRP A 234 15.36 0.04 2.72
C TRP A 234 14.77 -1.04 1.77
N PHE A 235 13.56 -0.81 1.24
CA PHE A 235 12.86 -1.79 0.37
C PHE A 235 12.82 -1.33 -1.09
N SER A 236 13.70 -0.41 -1.49
CA SER A 236 13.94 -0.13 -2.93
C SER A 236 14.43 -1.44 -3.56
N ARG A 237 14.27 -1.58 -4.87
CA ARG A 237 14.76 -2.75 -5.64
C ARG A 237 16.29 -2.83 -5.51
N GLU A 238 16.97 -1.69 -5.69
CA GLU A 238 18.48 -1.61 -5.66
C GLU A 238 18.98 -2.18 -4.33
N ASN A 239 18.35 -1.81 -3.21
CA ASN A 239 18.83 -2.21 -1.87
C ASN A 239 18.35 -3.61 -1.43
N SER A 240 17.09 -4.02 -1.69
CA SER A 240 16.48 -5.25 -1.10
C SER A 240 16.36 -6.40 -2.12
N LEU A 241 16.55 -6.14 -3.43
CA LEU A 241 16.53 -7.07 -4.59
C LEU A 241 15.12 -7.60 -4.92
N SER A 242 14.28 -7.91 -3.93
CA SER A 242 12.87 -8.36 -4.12
C SER A 242 11.91 -7.18 -4.07
N GLY A 243 12.27 -6.11 -3.38
CA GLY A 243 11.37 -4.98 -3.09
C GLY A 243 11.10 -4.12 -4.31
N VAL A 244 10.05 -3.31 -4.23
CA VAL A 244 9.66 -2.32 -5.27
C VAL A 244 9.31 -0.96 -4.62
N GLU A 245 9.72 -0.70 -3.37
CA GLU A 245 9.33 0.56 -2.66
C GLU A 245 9.89 1.75 -3.46
N GLY A 246 9.02 2.67 -3.84
CA GLY A 246 9.38 3.89 -4.60
C GLY A 246 9.69 3.68 -6.08
N GLU A 247 9.43 2.49 -6.65
CA GLU A 247 9.77 2.21 -8.08
C GLU A 247 8.73 2.86 -8.99
N GLY A 248 7.45 2.87 -8.62
CA GLY A 248 6.39 3.51 -9.45
C GLY A 248 5.75 2.51 -10.43
N LEU A 249 4.51 2.77 -10.82
N LEU A 249 4.48 2.74 -10.79
CA LEU A 249 3.65 1.83 -11.59
CA LEU A 249 3.66 1.82 -11.61
C LEU A 249 4.18 1.66 -13.02
C LEU A 249 4.29 1.61 -12.99
N HIS A 250 4.91 2.67 -13.52
CA HIS A 250 5.59 2.69 -14.84
C HIS A 250 6.88 1.85 -14.85
N LYS A 251 7.29 1.28 -13.71
CA LYS A 251 8.49 0.39 -13.65
C LYS A 251 8.10 -1.05 -13.26
N LEU A 252 6.93 -1.25 -12.63
CA LEU A 252 6.55 -2.61 -12.12
C LEU A 252 6.48 -3.63 -13.25
N GLY A 253 5.89 -3.26 -14.40
CA GLY A 253 5.80 -4.12 -15.58
C GLY A 253 7.18 -4.54 -16.08
N TYR A 254 8.10 -3.57 -16.17
CA TYR A 254 9.48 -3.83 -16.62
C TYR A 254 10.20 -4.78 -15.65
N ILE A 255 9.91 -4.61 -14.36
CA ILE A 255 10.50 -5.44 -13.26
C ILE A 255 9.97 -6.88 -13.40
N LEU A 256 8.67 -7.08 -13.59
CA LEU A 256 8.09 -8.43 -13.81
C LEU A 256 8.68 -9.08 -15.08
N ARG A 257 8.92 -8.29 -16.13
CA ARG A 257 9.50 -8.86 -17.38
C ARG A 257 10.95 -9.29 -17.13
N ASP A 258 11.68 -8.55 -16.29
CA ASP A 258 13.10 -8.89 -15.93
C ASP A 258 13.11 -10.21 -15.12
N VAL A 259 12.22 -10.38 -14.16
CA VAL A 259 12.04 -11.65 -13.42
C VAL A 259 11.76 -12.78 -14.42
N SER A 260 10.91 -12.56 -15.43
CA SER A 260 10.54 -13.56 -16.48
C SER A 260 11.78 -14.01 -17.27
N LYS A 261 12.83 -13.20 -17.36
CA LYS A 261 14.04 -13.47 -18.17
C LYS A 261 14.93 -14.53 -17.51
N LYS A 262 14.75 -14.76 -16.21
CA LYS A 262 15.51 -15.75 -15.41
C LYS A 262 15.09 -17.16 -15.82
N GLU A 263 16.03 -18.10 -15.79
CA GLU A 263 15.74 -19.53 -15.97
C GLU A 263 14.92 -19.96 -14.75
N GLY A 264 13.82 -20.68 -14.96
CA GLY A 264 13.10 -21.31 -13.84
C GLY A 264 11.73 -21.81 -14.20
N GLY A 265 10.86 -21.95 -13.20
CA GLY A 265 9.50 -22.48 -13.38
C GLY A 265 8.49 -21.40 -13.70
N ALA A 266 7.22 -21.67 -13.43
CA ALA A 266 6.11 -20.73 -13.66
C ALA A 266 6.33 -19.50 -12.77
N MET A 267 5.56 -18.44 -12.98
CA MET A 267 5.52 -17.30 -12.02
C MET A 267 4.36 -17.55 -11.05
N TYR A 268 4.63 -17.54 -9.77
CA TYR A 268 3.62 -17.78 -8.72
C TYR A 268 3.27 -16.46 -8.08
N ALA A 269 1.99 -16.24 -7.85
CA ALA A 269 1.45 -15.05 -7.21
C ALA A 269 0.29 -15.45 -6.33
N ASP A 270 0.59 -16.15 -5.24
CA ASP A 270 -0.40 -16.54 -4.21
C ASP A 270 -0.63 -15.37 -3.28
N ASP A 271 -1.88 -14.96 -3.13
CA ASP A 271 -2.35 -13.99 -2.10
C ASP A 271 -2.54 -14.73 -0.78
N THR A 272 -2.31 -14.05 0.33
CA THR A 272 -2.55 -14.61 1.69
C THR A 272 -3.94 -14.17 2.12
N ALA A 273 -4.67 -15.05 2.79
CA ALA A 273 -5.96 -14.73 3.43
C ALA A 273 -5.72 -13.86 4.69
N GLY A 274 -6.07 -12.59 4.64
CA GLY A 274 -5.93 -11.61 5.74
C GLY A 274 -4.52 -11.59 6.34
N TRP A 275 -3.52 -11.13 5.59
CA TRP A 275 -2.09 -11.17 5.97
C TRP A 275 -1.86 -10.57 7.37
N ASP A 276 -2.41 -9.39 7.64
CA ASP A 276 -2.18 -8.65 8.92
C ASP A 276 -2.65 -9.51 10.11
N THR A 277 -3.71 -10.31 9.95
CA THR A 277 -4.28 -11.14 11.05
C THR A 277 -3.43 -12.39 11.29
N ARG A 278 -2.50 -12.73 10.41
CA ARG A 278 -1.72 -13.99 10.46
C ARG A 278 -0.28 -13.71 10.88
N ILE A 279 0.03 -12.46 11.27
CA ILE A 279 1.38 -12.08 11.79
C ILE A 279 1.49 -12.63 13.22
N THR A 280 2.38 -13.59 13.42
CA THR A 280 2.57 -14.31 14.71
C THR A 280 3.46 -13.47 15.62
N LEU A 281 3.50 -13.78 16.92
CA LEU A 281 4.45 -13.15 17.87
C LEU A 281 5.87 -13.50 17.41
N GLU A 282 6.08 -14.68 16.83
CA GLU A 282 7.41 -15.10 16.30
C GLU A 282 7.82 -14.15 15.15
N ASP A 283 6.86 -13.75 14.31
CA ASP A 283 7.09 -12.76 13.21
C ASP A 283 7.52 -11.43 13.84
N LEU A 284 6.75 -10.93 14.80
CA LEU A 284 7.02 -9.63 15.49
C LEU A 284 8.42 -9.62 16.13
N LYS A 285 8.87 -10.75 16.67
CA LYS A 285 10.21 -10.91 17.30
C LYS A 285 11.31 -10.96 16.24
N ASN A 286 11.09 -11.59 15.08
CA ASN A 286 12.13 -11.58 14.01
C ASN A 286 12.22 -10.18 13.36
N GLU A 287 11.10 -9.46 13.27
CA GLU A 287 11.06 -8.02 12.82
C GLU A 287 11.87 -7.13 13.80
N GLU A 288 11.78 -7.41 15.11
N GLU A 288 11.78 -7.42 15.10
CA GLU A 288 12.46 -6.60 16.15
CA GLU A 288 12.45 -6.66 16.19
C GLU A 288 13.98 -6.72 16.04
C GLU A 288 13.98 -6.72 16.04
N MET A 289 14.50 -7.74 15.35
CA MET A 289 15.96 -7.93 15.17
C MET A 289 16.58 -6.81 14.33
N VAL A 290 15.80 -5.91 13.72
CA VAL A 290 16.39 -4.67 13.12
C VAL A 290 17.08 -3.84 14.23
N THR A 291 16.59 -3.85 15.48
CA THR A 291 17.21 -3.09 16.63
C THR A 291 18.66 -3.56 16.88
N ASN A 292 19.02 -4.79 16.48
CA ASN A 292 20.41 -5.30 16.60
C ASN A 292 21.38 -4.50 15.73
N HIS A 293 20.90 -3.66 14.83
CA HIS A 293 21.77 -2.84 13.92
C HIS A 293 21.80 -1.37 14.37
N MET A 294 21.11 -1.07 15.47
CA MET A 294 20.92 0.31 16.00
C MET A 294 21.91 0.56 17.17
N GLU A 295 21.90 1.76 17.74
CA GLU A 295 22.71 2.08 18.94
C GLU A 295 22.12 3.27 19.68
N GLY A 296 22.65 3.51 20.88
CA GLY A 296 22.31 4.64 21.75
C GLY A 296 20.82 4.68 22.00
N GLU A 297 20.29 5.91 22.07
CA GLU A 297 18.86 6.27 22.27
C GLU A 297 17.96 5.56 21.23
N HIS A 298 18.33 5.63 19.94
CA HIS A 298 17.57 5.02 18.82
C HIS A 298 17.25 3.56 19.17
N LYS A 299 18.28 2.78 19.50
CA LYS A 299 18.13 1.36 19.86
C LYS A 299 17.05 1.20 20.94
N LYS A 300 17.05 2.08 21.94
CA LYS A 300 16.11 1.97 23.09
C LYS A 300 14.72 2.39 22.65
N LEU A 301 14.62 3.50 21.93
CA LEU A 301 13.32 4.02 21.41
C LEU A 301 12.66 2.94 20.51
N ALA A 302 13.42 2.27 19.62
CA ALA A 302 12.91 1.25 18.68
C ALA A 302 12.55 -0.03 19.42
N GLU A 303 13.30 -0.40 20.45
CA GLU A 303 13.00 -1.60 21.29
C GLU A 303 11.67 -1.40 22.01
N ALA A 304 11.41 -0.17 22.43
CA ALA A 304 10.18 0.19 23.16
C ALA A 304 8.97 0.13 22.23
N ILE A 305 9.09 0.63 20.99
CA ILE A 305 7.96 0.56 20.02
C ILE A 305 7.64 -0.92 19.84
N PHE A 306 8.65 -1.76 19.58
CA PHE A 306 8.45 -3.19 19.29
C PHE A 306 7.84 -3.86 20.53
N LYS A 307 8.43 -3.63 21.71
CA LYS A 307 8.06 -4.30 22.99
C LYS A 307 6.67 -3.87 23.46
N LEU A 308 6.37 -2.57 23.46
CA LEU A 308 5.23 -1.97 24.20
C LEU A 308 4.00 -1.71 23.33
N THR A 309 4.19 -1.41 22.04
CA THR A 309 3.08 -1.02 21.13
C THR A 309 2.73 -2.18 20.18
N TYR A 310 3.70 -2.98 19.73
CA TYR A 310 3.52 -4.03 18.70
C TYR A 310 3.31 -5.41 19.36
N GLN A 311 4.17 -5.81 20.30
CA GLN A 311 4.20 -7.20 20.87
C GLN A 311 3.25 -7.30 22.08
N ASN A 312 2.75 -6.14 22.53
CA ASN A 312 1.63 -5.93 23.49
C ASN A 312 0.84 -4.76 22.93
N LYS A 313 -0.48 -4.87 22.82
CA LYS A 313 -1.30 -3.79 22.23
C LYS A 313 -2.53 -3.55 23.11
N VAL A 314 -2.94 -2.30 23.19
CA VAL A 314 -4.19 -1.87 23.85
C VAL A 314 -4.99 -1.20 22.76
N VAL A 315 -6.26 -1.56 22.65
CA VAL A 315 -7.16 -1.13 21.55
C VAL A 315 -8.50 -0.76 22.15
N ARG A 316 -9.06 0.34 21.70
CA ARG A 316 -10.47 0.69 22.00
C ARG A 316 -11.31 0.40 20.75
N VAL A 317 -12.38 -0.37 20.90
CA VAL A 317 -13.37 -0.75 19.83
C VAL A 317 -14.73 -0.20 20.22
N GLN A 318 -15.51 0.32 19.27
CA GLN A 318 -16.94 0.67 19.51
C GLN A 318 -17.80 -0.59 19.32
N ARG A 319 -18.77 -0.79 20.21
CA ARG A 319 -19.74 -1.91 20.15
C ARG A 319 -21.15 -1.33 20.29
N PRO A 320 -21.96 -1.34 19.20
CA PRO A 320 -23.35 -0.86 19.24
C PRO A 320 -24.22 -1.34 20.42
N THR A 321 -23.96 -2.55 20.93
CA THR A 321 -24.69 -3.17 22.09
C THR A 321 -24.77 -2.16 23.25
N THR A 325 -23.84 2.12 22.34
CA THR A 325 -22.43 2.40 21.96
C THR A 325 -21.57 2.46 23.22
N VAL A 326 -20.89 1.35 23.54
CA VAL A 326 -19.83 1.29 24.58
C VAL A 326 -18.47 1.38 23.87
N MET A 327 -17.40 1.62 24.64
CA MET A 327 -16.00 1.53 24.18
C MET A 327 -15.31 0.38 24.91
N ASP A 328 -15.06 -0.74 24.23
CA ASP A 328 -14.36 -1.93 24.77
C ASP A 328 -12.84 -1.68 24.75
N ILE A 329 -12.20 -1.83 25.89
CA ILE A 329 -10.72 -1.81 26.01
C ILE A 329 -10.27 -3.26 26.02
N ILE A 330 -9.78 -3.71 24.87
CA ILE A 330 -9.26 -5.08 24.66
C ILE A 330 -7.74 -4.99 24.46
N SER A 331 -7.06 -6.12 24.56
CA SER A 331 -5.60 -6.22 24.39
C SER A 331 -5.27 -7.56 23.72
N ARG A 332 -4.11 -7.63 23.08
CA ARG A 332 -3.49 -8.89 22.62
C ARG A 332 -2.04 -8.61 22.24
N ARG A 333 -1.30 -9.68 21.95
CA ARG A 333 0.17 -9.67 21.79
C ARG A 333 0.52 -9.68 20.29
N ASP A 334 -0.22 -10.43 19.47
CA ASP A 334 0.18 -10.75 18.08
C ASP A 334 -0.71 -10.01 17.08
N GLN A 335 -0.61 -10.37 15.79
CA GLN A 335 -1.20 -9.67 14.63
C GLN A 335 -0.46 -8.34 14.40
N ARG A 336 -0.68 -7.78 13.23
CA ARG A 336 -0.15 -6.46 12.83
C ARG A 336 -1.10 -5.38 13.33
N GLY A 337 -0.51 -4.46 14.08
CA GLY A 337 -0.98 -3.08 14.32
C GLY A 337 0.23 -2.18 14.44
N SER A 338 0.59 -1.55 13.34
CA SER A 338 1.53 -0.41 13.27
C SER A 338 0.81 0.68 12.46
N GLY A 339 1.43 1.86 12.34
CA GLY A 339 1.13 2.82 11.27
C GLY A 339 1.17 2.14 9.91
N GLN A 340 0.43 2.67 8.94
CA GLN A 340 0.27 2.02 7.62
C GLN A 340 1.66 1.93 6.98
N VAL A 341 2.54 2.90 7.16
CA VAL A 341 3.81 2.97 6.37
C VAL A 341 4.83 1.99 6.95
N VAL A 342 4.94 1.91 8.28
CA VAL A 342 5.85 0.93 8.92
C VAL A 342 5.28 -0.47 8.66
N THR A 343 3.95 -0.60 8.67
CA THR A 343 3.26 -1.87 8.33
C THR A 343 3.71 -2.34 6.93
N TYR A 344 3.78 -1.43 5.95
CA TYR A 344 4.21 -1.77 4.58
C TYR A 344 5.59 -2.41 4.65
N GLY A 345 6.53 -1.74 5.32
CA GLY A 345 7.95 -2.16 5.35
C GLY A 345 8.12 -3.49 6.05
N LEU A 346 7.42 -3.71 7.16
CA LEU A 346 7.58 -4.94 7.96
C LEU A 346 6.88 -6.11 7.26
N ASN A 347 5.74 -5.83 6.63
CA ASN A 347 5.04 -6.79 5.75
C ASN A 347 6.00 -7.22 4.63
N THR A 348 6.62 -6.29 3.93
CA THR A 348 7.58 -6.62 2.85
C THR A 348 8.68 -7.54 3.40
N PHE A 349 9.27 -7.18 4.54
CA PHE A 349 10.39 -7.94 5.17
C PHE A 349 9.97 -9.38 5.47
N THR A 350 8.83 -9.56 6.12
CA THR A 350 8.33 -10.87 6.61
C THR A 350 7.88 -11.68 5.40
N ASN A 351 7.33 -11.03 4.37
CA ASN A 351 6.93 -11.70 3.11
C ASN A 351 8.20 -12.18 2.40
N MET A 352 9.22 -11.33 2.32
CA MET A 352 10.52 -11.72 1.69
C MET A 352 11.07 -12.96 2.40
N GLU A 353 10.96 -13.00 3.73
CA GLU A 353 11.49 -14.11 4.57
C GLU A 353 10.69 -15.39 4.27
N ALA A 354 9.37 -15.30 4.37
CA ALA A 354 8.44 -16.41 4.06
C ALA A 354 8.72 -16.97 2.67
N GLN A 355 8.87 -16.12 1.64
CA GLN A 355 9.00 -16.64 0.26
C GLN A 355 10.39 -17.27 0.04
N LEU A 356 11.46 -16.76 0.64
CA LEU A 356 12.80 -17.44 0.59
C LEU A 356 12.70 -18.84 1.19
N ILE A 357 12.00 -18.98 2.32
CA ILE A 357 11.83 -20.28 3.03
C ILE A 357 11.02 -21.22 2.13
N ARG A 358 9.92 -20.75 1.53
CA ARG A 358 9.15 -21.59 0.58
C ARG A 358 10.07 -22.00 -0.57
N GLN A 359 10.89 -21.09 -1.09
CA GLN A 359 11.86 -21.47 -2.15
C GLN A 359 12.83 -22.55 -1.57
N MET A 360 13.28 -22.42 -0.32
CA MET A 360 14.25 -23.40 0.27
C MET A 360 13.59 -24.80 0.26
N GLU A 361 12.33 -24.84 0.68
CA GLU A 361 11.51 -26.06 0.78
C GLU A 361 11.39 -26.68 -0.60
N GLY A 362 11.14 -25.89 -1.64
CA GLY A 362 11.01 -26.43 -3.01
C GLY A 362 12.34 -27.01 -3.50
N GLU A 363 13.46 -26.41 -3.12
CA GLU A 363 14.81 -26.86 -3.55
C GLU A 363 15.29 -28.04 -2.68
N GLY A 364 14.51 -28.45 -1.68
CA GLY A 364 14.87 -29.56 -0.78
C GLY A 364 16.03 -29.24 0.15
N VAL A 365 16.19 -27.96 0.54
CA VAL A 365 17.29 -27.50 1.45
C VAL A 365 17.10 -28.13 2.82
N PHE A 366 15.85 -28.38 3.22
CA PHE A 366 15.45 -28.95 4.52
C PHE A 366 14.26 -29.91 4.32
N LYS A 367 14.07 -30.85 5.24
CA LYS A 367 13.21 -32.05 5.01
C LYS A 367 11.95 -31.96 5.87
N SER A 368 12.08 -31.55 7.13
CA SER A 368 10.98 -31.49 8.12
C SER A 368 10.98 -30.12 8.77
N ILE A 369 9.79 -29.60 9.10
CA ILE A 369 9.60 -28.34 9.86
C ILE A 369 9.53 -28.64 11.37
N GLN A 370 9.37 -29.92 11.74
CA GLN A 370 9.19 -30.34 13.16
C GLN A 370 10.46 -29.96 13.92
N HIS A 371 11.62 -30.20 13.30
CA HIS A 371 12.97 -30.02 13.89
C HIS A 371 13.98 -29.85 12.75
N LEU A 372 14.87 -28.89 12.88
CA LEU A 372 16.01 -28.67 11.97
C LEU A 372 17.21 -29.40 12.58
N THR A 373 17.83 -30.34 11.85
CA THR A 373 19.06 -31.03 12.27
C THR A 373 20.17 -29.98 12.29
N VAL A 374 21.38 -30.33 12.76
CA VAL A 374 22.51 -29.35 12.88
C VAL A 374 23.07 -29.10 11.48
N THR A 375 23.18 -30.16 10.67
CA THR A 375 23.68 -30.07 9.28
C THR A 375 22.59 -29.46 8.38
N GLU A 376 21.31 -29.53 8.75
CA GLU A 376 20.22 -28.87 7.98
C GLU A 376 20.37 -27.35 8.16
N GLU A 377 20.67 -26.90 9.38
CA GLU A 377 21.01 -25.48 9.69
C GLU A 377 22.17 -25.04 8.80
N ILE A 378 23.30 -25.74 8.88
CA ILE A 378 24.53 -25.38 8.11
C ILE A 378 24.11 -25.24 6.65
N ALA A 379 23.28 -26.16 6.14
CA ALA A 379 22.82 -26.17 4.73
C ALA A 379 22.01 -24.90 4.39
N VAL A 380 21.07 -24.53 5.26
CA VAL A 380 20.21 -23.32 5.11
C VAL A 380 21.11 -22.08 5.08
N LYS A 381 22.03 -21.95 6.05
CA LYS A 381 23.00 -20.82 6.16
C LYS A 381 23.83 -20.74 4.87
N ASN A 382 24.23 -21.90 4.36
CA ASN A 382 25.12 -22.05 3.18
C ASN A 382 24.37 -21.66 1.90
N TRP A 383 23.11 -22.05 1.81
CA TRP A 383 22.19 -21.68 0.70
C TRP A 383 22.08 -20.14 0.67
N LEU A 384 21.79 -19.53 1.81
CA LEU A 384 21.61 -18.06 1.97
C LEU A 384 22.86 -17.30 1.50
N VAL A 385 24.04 -17.73 1.98
CA VAL A 385 25.36 -17.12 1.64
C VAL A 385 25.66 -17.37 0.16
N ARG A 386 25.36 -18.58 -0.34
CA ARG A 386 25.69 -18.99 -1.73
C ARG A 386 24.71 -18.37 -2.76
N VAL A 387 23.38 -18.43 -2.53
CA VAL A 387 22.38 -18.08 -3.61
C VAL A 387 21.26 -17.15 -3.12
N GLY A 388 21.29 -16.74 -1.85
CA GLY A 388 20.25 -15.91 -1.21
C GLY A 388 19.94 -14.66 -2.02
N ARG A 389 20.95 -13.96 -2.50
CA ARG A 389 20.78 -12.67 -3.25
C ARG A 389 20.18 -13.00 -4.62
N GLU A 390 20.62 -14.09 -5.27
CA GLU A 390 20.03 -14.49 -6.60
C GLU A 390 18.55 -14.88 -6.41
N ARG A 391 18.19 -15.49 -5.27
CA ARG A 391 16.81 -15.99 -5.04
C ARG A 391 15.91 -14.81 -4.67
N LEU A 392 16.45 -13.75 -4.05
CA LEU A 392 15.69 -12.47 -3.80
C LEU A 392 15.38 -11.80 -5.13
N SER A 393 16.31 -11.85 -6.07
CA SER A 393 16.14 -11.18 -7.38
C SER A 393 15.08 -11.89 -8.22
N ARG A 394 14.65 -13.10 -7.81
CA ARG A 394 13.62 -13.90 -8.51
C ARG A 394 12.22 -13.47 -8.04
N MET A 395 12.15 -12.51 -7.13
CA MET A 395 10.86 -12.06 -6.54
C MET A 395 10.61 -10.56 -6.77
N ALA A 396 9.33 -10.21 -6.82
CA ALA A 396 8.81 -8.86 -6.67
C ALA A 396 7.81 -8.88 -5.51
N ILE A 397 8.08 -8.10 -4.46
CA ILE A 397 7.34 -8.14 -3.18
C ILE A 397 6.98 -6.71 -2.76
N SER A 398 5.68 -6.50 -2.53
CA SER A 398 5.08 -5.22 -2.09
C SER A 398 4.14 -5.52 -0.93
N GLY A 399 4.63 -5.34 0.29
CA GLY A 399 3.86 -5.71 1.49
C GLY A 399 3.45 -7.17 1.42
N ASP A 400 2.17 -7.45 1.58
CA ASP A 400 1.61 -8.83 1.60
C ASP A 400 1.51 -9.38 0.17
N ASP A 401 1.85 -8.61 -0.86
CA ASP A 401 1.68 -9.03 -2.27
C ASP A 401 3.02 -9.51 -2.84
N CYS A 402 3.04 -10.62 -3.57
CA CYS A 402 4.29 -11.18 -4.12
C CYS A 402 4.09 -11.86 -5.47
N VAL A 403 5.19 -11.88 -6.22
CA VAL A 403 5.40 -12.69 -7.44
C VAL A 403 6.76 -13.39 -7.27
N VAL A 404 6.78 -14.71 -7.44
CA VAL A 404 8.02 -15.55 -7.33
C VAL A 404 8.16 -16.37 -8.60
N LYS A 405 9.32 -16.26 -9.24
CA LYS A 405 9.79 -17.18 -10.30
C LYS A 405 10.85 -18.10 -9.71
N PRO A 406 10.43 -19.23 -9.11
CA PRO A 406 11.36 -20.15 -8.46
C PRO A 406 12.25 -20.86 -9.49
N LEU A 407 13.26 -21.54 -8.98
CA LEU A 407 14.18 -22.38 -9.80
C LEU A 407 13.42 -23.41 -10.64
N ASP A 408 12.27 -23.93 -10.17
CA ASP A 408 11.43 -24.91 -10.92
C ASP A 408 10.08 -25.07 -10.22
N ASP A 409 9.22 -25.98 -10.69
CA ASP A 409 7.79 -26.02 -10.23
C ASP A 409 7.61 -26.92 -9.00
N ARG A 410 8.68 -27.43 -8.37
CA ARG A 410 8.55 -28.07 -7.02
C ARG A 410 7.99 -27.05 -6.02
N PHE A 411 8.30 -25.76 -6.21
CA PHE A 411 7.77 -24.67 -5.36
C PHE A 411 6.25 -24.79 -5.22
N ALA A 412 5.53 -25.17 -6.29
CA ALA A 412 4.05 -25.21 -6.36
C ALA A 412 3.45 -26.06 -5.24
N SER A 413 4.11 -27.17 -4.88
CA SER A 413 3.62 -28.13 -3.86
C SER A 413 4.43 -28.00 -2.57
N ALA A 414 5.31 -27.00 -2.43
CA ALA A 414 6.12 -26.78 -1.19
C ALA A 414 5.32 -25.91 -0.24
N LEU A 415 4.50 -26.53 0.62
CA LEU A 415 3.43 -25.84 1.38
C LEU A 415 3.58 -25.96 2.91
N THR A 416 4.45 -26.83 3.41
CA THR A 416 4.44 -27.17 4.86
C THR A 416 4.93 -25.97 5.67
N ALA A 417 6.10 -25.41 5.35
CA ALA A 417 6.65 -24.20 6.03
C ALA A 417 5.65 -23.04 5.92
N LEU A 418 5.11 -22.78 4.71
CA LEU A 418 4.19 -21.65 4.45
C LEU A 418 2.93 -21.77 5.33
N ASN A 419 2.27 -22.93 5.34
CA ASN A 419 1.04 -23.16 6.15
C ASN A 419 1.43 -23.06 7.63
N ASP A 420 2.55 -23.68 8.04
CA ASP A 420 2.97 -23.71 9.48
C ASP A 420 3.35 -22.29 9.96
N MET A 421 3.82 -21.39 9.09
CA MET A 421 4.13 -19.97 9.48
C MET A 421 2.82 -19.19 9.61
N GLY A 422 1.69 -19.80 9.19
CA GLY A 422 0.33 -19.21 9.28
C GLY A 422 -0.03 -18.38 8.07
N LYS A 423 0.82 -18.36 7.03
CA LYS A 423 0.59 -17.57 5.78
C LYS A 423 -0.21 -18.43 4.79
N VAL A 424 -1.42 -18.82 5.21
CA VAL A 424 -2.35 -19.71 4.45
C VAL A 424 -2.80 -18.96 3.20
N ARG A 425 -2.82 -19.62 2.04
CA ARG A 425 -3.15 -18.99 0.73
C ARG A 425 -4.67 -18.80 0.63
N LYS A 426 -5.10 -17.71 -0.02
CA LYS A 426 -6.52 -17.31 -0.24
C LYS A 426 -7.14 -18.18 -1.35
N ASP A 427 -8.38 -18.64 -1.15
CA ASP A 427 -9.24 -19.24 -2.21
C ASP A 427 -8.55 -20.46 -2.85
N ILE A 428 -7.99 -21.34 -2.04
CA ILE A 428 -7.42 -22.64 -2.50
C ILE A 428 -7.28 -23.54 -1.28
N GLN A 429 -7.49 -24.83 -1.44
CA GLN A 429 -7.46 -25.79 -0.30
C GLN A 429 -6.03 -25.87 0.22
N GLN A 430 -5.88 -25.96 1.53
CA GLN A 430 -4.61 -25.75 2.25
C GLN A 430 -3.47 -26.61 1.65
N TRP A 431 -3.77 -27.80 1.12
CA TRP A 431 -2.72 -28.75 0.65
C TRP A 431 -2.74 -28.94 -0.87
N GLU A 432 -3.55 -28.14 -1.58
CA GLU A 432 -3.66 -28.17 -3.07
C GLU A 432 -2.51 -27.36 -3.67
N PRO A 433 -1.80 -27.89 -4.68
CA PRO A 433 -0.65 -27.20 -5.26
C PRO A 433 -1.01 -25.87 -5.92
N SER A 434 -0.16 -24.86 -5.74
CA SER A 434 -0.32 -23.54 -6.38
C SER A 434 -0.39 -23.73 -7.89
N ARG A 435 -1.22 -22.92 -8.55
CA ARG A 435 -1.28 -22.80 -10.04
C ARG A 435 -0.46 -21.56 -10.42
N GLY A 436 0.61 -21.76 -11.21
CA GLY A 436 1.50 -20.68 -11.65
C GLY A 436 1.07 -20.11 -12.99
N TRP A 437 1.66 -19.00 -13.40
CA TRP A 437 1.40 -18.31 -14.68
C TRP A 437 2.59 -18.57 -15.61
N ASN A 438 2.33 -18.78 -16.90
CA ASN A 438 3.38 -19.04 -17.92
C ASN A 438 3.76 -17.80 -18.73
N ASP A 439 2.95 -16.74 -18.63
CA ASP A 439 3.11 -15.48 -19.39
C ASP A 439 3.13 -14.32 -18.39
N TRP A 440 4.24 -13.57 -18.34
CA TRP A 440 4.40 -12.42 -17.40
C TRP A 440 3.29 -11.36 -17.59
N THR A 441 2.68 -11.31 -18.77
CA THR A 441 1.64 -10.30 -19.13
C THR A 441 0.28 -10.72 -18.56
N GLN A 442 0.20 -11.88 -17.90
CA GLN A 442 -1.03 -12.38 -17.25
C GLN A 442 -0.93 -12.37 -15.72
N VAL A 443 0.28 -12.20 -15.17
CA VAL A 443 0.52 -12.24 -13.68
C VAL A 443 -0.12 -11.03 -13.06
N PRO A 444 -0.94 -11.18 -11.99
CA PRO A 444 -1.40 -10.04 -11.20
C PRO A 444 -0.36 -9.56 -10.19
N PHE A 445 -0.22 -8.25 -10.01
CA PHE A 445 0.69 -7.63 -9.00
C PHE A 445 0.23 -6.20 -8.74
N CYS A 446 0.09 -5.83 -7.46
CA CYS A 446 -0.35 -4.49 -6.96
C CYS A 446 -1.64 -4.07 -7.68
N SER A 447 -2.58 -5.01 -7.86
CA SER A 447 -3.93 -4.75 -8.41
C SER A 447 -3.86 -4.52 -9.93
N HIS A 448 -2.72 -4.79 -10.58
CA HIS A 448 -2.52 -4.57 -12.03
C HIS A 448 -2.11 -5.84 -12.77
N HIS A 449 -2.21 -5.79 -14.10
CA HIS A 449 -1.42 -6.59 -15.06
C HIS A 449 -0.71 -5.63 -16.00
N PHE A 450 0.18 -6.15 -16.82
CA PHE A 450 1.15 -5.38 -17.62
C PHE A 450 1.09 -5.89 -19.06
N HIS A 451 0.99 -4.94 -20.01
CA HIS A 451 1.00 -5.22 -21.46
C HIS A 451 2.33 -4.74 -22.05
N GLU A 452 2.79 -5.44 -23.08
CA GLU A 452 3.90 -5.01 -23.97
C GLU A 452 3.32 -4.25 -25.17
N LEU A 453 3.67 -2.98 -25.32
CA LEU A 453 3.03 -2.12 -26.33
C LEU A 453 4.13 -1.52 -27.21
N ILE A 454 4.08 -1.79 -28.52
CA ILE A 454 5.17 -1.38 -29.46
C ILE A 454 4.78 -0.04 -30.09
N MET A 455 5.64 0.95 -29.95
CA MET A 455 5.38 2.30 -30.52
C MET A 455 5.60 2.23 -32.04
N LYS A 456 5.00 3.16 -32.78
N LYS A 456 4.99 3.17 -32.77
CA LYS A 456 5.07 3.20 -34.26
CA LYS A 456 5.07 3.28 -34.25
C LYS A 456 6.55 3.20 -34.71
C LYS A 456 6.55 3.17 -34.68
N ASP A 457 7.47 3.70 -33.88
CA ASP A 457 8.93 3.67 -34.17
C ASP A 457 9.66 2.44 -33.60
N GLY A 458 8.97 1.37 -33.23
CA GLY A 458 9.60 0.09 -32.82
C GLY A 458 10.04 0.06 -31.36
N ARG A 459 10.07 1.19 -30.64
CA ARG A 459 10.48 1.19 -29.21
C ARG A 459 9.36 0.56 -28.36
N VAL A 460 9.76 -0.08 -27.27
CA VAL A 460 8.85 -0.97 -26.49
C VAL A 460 8.53 -0.33 -25.16
N LEU A 461 7.24 -0.07 -24.91
CA LEU A 461 6.66 0.32 -23.60
C LEU A 461 6.13 -0.93 -22.87
N VAL A 462 6.36 -1.01 -21.56
CA VAL A 462 5.65 -1.96 -20.68
C VAL A 462 4.76 -1.13 -19.76
N VAL A 463 3.44 -1.29 -19.90
CA VAL A 463 2.43 -0.34 -19.36
C VAL A 463 1.54 -1.08 -18.36
N PRO A 464 1.15 -0.39 -17.26
CA PRO A 464 0.23 -0.98 -16.29
C PRO A 464 -1.21 -0.87 -16.77
N CYS A 465 -2.06 -1.79 -16.28
CA CYS A 465 -3.46 -1.90 -16.72
C CYS A 465 -4.27 -2.59 -15.63
N ARG A 466 -5.55 -2.25 -15.54
CA ARG A 466 -6.54 -3.05 -14.83
C ARG A 466 -7.91 -2.80 -15.45
N ASN A 467 -8.89 -3.55 -15.00
CA ASN A 467 -10.27 -3.43 -15.50
C ASN A 467 -10.68 -1.96 -15.44
N GLN A 468 -11.14 -1.40 -16.56
CA GLN A 468 -11.35 0.05 -16.71
C GLN A 468 -12.51 0.45 -15.80
N ASP A 469 -13.44 -0.46 -15.51
CA ASP A 469 -14.54 -0.12 -14.56
C ASP A 469 -13.94 0.28 -13.20
N GLU A 470 -12.89 -0.40 -12.74
CA GLU A 470 -12.25 -0.11 -11.43
C GLU A 470 -11.61 1.30 -11.47
N LEU A 471 -10.97 1.67 -12.57
CA LEU A 471 -10.29 2.97 -12.71
C LEU A 471 -11.33 4.10 -12.73
N ILE A 472 -12.40 3.92 -13.49
CA ILE A 472 -13.47 4.96 -13.54
C ILE A 472 -14.25 5.02 -12.22
N GLY A 473 -14.58 3.90 -11.60
CA GLY A 473 -15.31 3.90 -10.32
C GLY A 473 -14.54 4.60 -9.18
N ARG A 474 -13.23 4.43 -9.11
CA ARG A 474 -12.36 5.06 -8.07
C ARG A 474 -12.25 6.58 -8.30
N ALA A 475 -12.10 7.03 -9.54
CA ALA A 475 -11.93 8.47 -9.85
C ALA A 475 -13.24 9.20 -9.53
N ARG A 476 -14.36 8.47 -9.48
CA ARG A 476 -15.70 9.07 -9.20
C ARG A 476 -15.94 9.20 -7.70
N ILE A 477 -14.99 8.79 -6.87
CA ILE A 477 -15.15 8.84 -5.39
C ILE A 477 -14.23 9.90 -4.81
N SER A 478 -14.76 10.70 -3.88
N SER A 478 -14.74 10.74 -3.90
CA SER A 478 -14.01 11.66 -3.02
CA SER A 478 -13.93 11.65 -3.04
C SER A 478 -14.06 11.18 -1.56
C SER A 478 -14.05 11.23 -1.57
N GLN A 479 -12.93 11.22 -0.85
CA GLN A 479 -12.86 10.86 0.59
C GLN A 479 -13.11 12.11 1.43
N GLY A 480 -14.04 12.03 2.39
CA GLY A 480 -14.30 13.09 3.37
C GLY A 480 -15.25 14.15 2.84
N ALA A 481 -15.74 15.00 3.74
CA ALA A 481 -16.81 16.00 3.52
C ALA A 481 -16.20 17.42 3.49
N GLY A 482 -17.00 18.40 3.09
CA GLY A 482 -16.67 19.84 3.16
C GLY A 482 -15.88 20.31 1.97
N TRP A 483 -15.86 19.54 0.87
CA TRP A 483 -15.05 19.90 -0.33
C TRP A 483 -15.75 21.03 -1.10
N SER A 484 -15.02 22.07 -1.45
CA SER A 484 -15.48 23.13 -2.38
C SER A 484 -15.56 22.53 -3.79
N LEU A 485 -16.23 23.22 -4.72
CA LEU A 485 -16.24 22.85 -6.16
C LEU A 485 -14.80 22.87 -6.69
N ARG A 486 -14.04 23.87 -6.25
CA ARG A 486 -12.65 24.06 -6.72
C ARG A 486 -11.81 22.84 -6.33
N GLU A 487 -11.90 22.41 -5.07
CA GLU A 487 -11.14 21.25 -4.52
C GLU A 487 -11.61 19.97 -5.22
N THR A 488 -12.92 19.83 -5.46
CA THR A 488 -13.47 18.65 -6.18
C THR A 488 -12.87 18.58 -7.58
N ALA A 489 -12.80 19.72 -8.28
CA ALA A 489 -12.23 19.84 -9.65
C ALA A 489 -10.74 19.45 -9.66
N CYS A 490 -9.98 19.92 -8.67
CA CYS A 490 -8.51 19.68 -8.58
C CYS A 490 -8.28 18.18 -8.30
N LEU A 491 -9.13 17.53 -7.53
CA LEU A 491 -9.04 16.05 -7.37
C LEU A 491 -9.36 15.34 -8.70
N GLY A 492 -10.41 15.76 -9.42
CA GLY A 492 -10.69 15.23 -10.76
C GLY A 492 -9.46 15.30 -11.65
N LYS A 493 -8.78 16.44 -11.62
CA LYS A 493 -7.61 16.74 -12.46
C LYS A 493 -6.45 15.82 -12.09
N SER A 494 -6.24 15.53 -10.80
CA SER A 494 -5.20 14.56 -10.35
C SER A 494 -5.48 13.19 -11.02
N TYR A 495 -6.72 12.72 -11.01
CA TYR A 495 -7.09 11.41 -11.67
C TYR A 495 -6.80 11.49 -13.18
N ALA A 496 -7.26 12.59 -13.81
CA ALA A 496 -7.05 12.83 -15.25
C ALA A 496 -5.55 12.75 -15.58
N GLN A 497 -4.70 13.46 -14.83
CA GLN A 497 -3.24 13.47 -15.15
C GLN A 497 -2.64 12.07 -14.89
N MET A 498 -3.09 11.36 -13.86
CA MET A 498 -2.59 9.97 -13.64
C MET A 498 -2.97 9.11 -14.86
N TRP A 499 -4.19 9.23 -15.36
CA TRP A 499 -4.64 8.45 -16.54
C TRP A 499 -3.77 8.75 -17.77
N SER A 500 -3.47 10.02 -18.03
N SER A 500 -3.45 10.02 -18.03
CA SER A 500 -2.62 10.44 -19.18
CA SER A 500 -2.64 10.44 -19.20
C SER A 500 -1.22 9.84 -19.04
C SER A 500 -1.21 9.88 -19.05
N LEU A 501 -0.72 9.70 -17.82
CA LEU A 501 0.66 9.20 -17.59
C LEU A 501 0.75 7.67 -17.54
N MET A 502 -0.22 6.99 -16.93
CA MET A 502 -0.13 5.53 -16.68
C MET A 502 -1.05 4.76 -17.64
N TYR A 503 -2.21 5.32 -18.02
CA TYR A 503 -3.32 4.59 -18.69
C TYR A 503 -3.65 5.23 -20.06
N PHE A 504 -2.67 5.89 -20.68
CA PHE A 504 -2.75 6.63 -21.97
C PHE A 504 -3.18 5.70 -23.11
N HIS A 505 -2.89 4.41 -22.91
CA HIS A 505 -3.06 3.32 -23.91
C HIS A 505 -4.52 2.81 -23.94
N ARG A 506 -5.36 3.27 -23.00
CA ARG A 506 -6.81 2.94 -22.93
C ARG A 506 -7.52 4.12 -23.63
N ARG A 507 -8.22 3.84 -24.74
CA ARG A 507 -8.89 4.86 -25.58
C ARG A 507 -9.81 5.72 -24.71
N ASP A 508 -10.64 5.10 -23.86
CA ASP A 508 -11.66 5.83 -23.07
C ASP A 508 -10.97 6.76 -22.03
N LEU A 509 -9.84 6.33 -21.47
CA LEU A 509 -9.17 7.10 -20.39
C LEU A 509 -8.37 8.27 -20.99
N ARG A 510 -7.78 8.14 -22.18
CA ARG A 510 -7.09 9.29 -22.80
C ARG A 510 -8.13 10.34 -23.16
N LEU A 511 -9.31 9.92 -23.61
CA LEU A 511 -10.38 10.86 -24.01
C LEU A 511 -10.96 11.51 -22.75
N ALA A 512 -11.27 10.74 -21.71
CA ALA A 512 -11.85 11.31 -20.48
C ALA A 512 -10.82 12.23 -19.78
N ALA A 513 -9.51 11.89 -19.81
CA ALA A 513 -8.44 12.68 -19.17
C ALA A 513 -8.33 14.05 -19.87
N ASN A 514 -8.35 14.04 -21.19
CA ASN A 514 -8.35 15.27 -22.04
C ASN A 514 -9.58 16.11 -21.73
N ALA A 515 -10.74 15.48 -21.65
CA ALA A 515 -12.00 16.18 -21.31
C ALA A 515 -11.88 16.86 -19.94
N ILE A 516 -11.42 16.13 -18.91
CA ILE A 516 -11.39 16.67 -17.53
C ILE A 516 -10.39 17.84 -17.50
N CYS A 517 -9.23 17.70 -18.13
CA CYS A 517 -8.19 18.76 -18.11
C CYS A 517 -8.67 19.96 -18.94
N SER A 518 -9.60 19.77 -19.87
CA SER A 518 -10.20 20.87 -20.67
C SER A 518 -11.25 21.58 -19.82
N ALA A 519 -11.86 20.87 -18.87
CA ALA A 519 -13.03 21.34 -18.09
C ALA A 519 -12.61 22.04 -16.79
N VAL A 520 -11.41 21.80 -16.33
CA VAL A 520 -10.85 22.38 -15.09
C VAL A 520 -9.89 23.49 -15.51
N PRO A 521 -9.96 24.68 -14.85
CA PRO A 521 -9.10 25.81 -15.19
C PRO A 521 -7.64 25.36 -15.29
N SER A 522 -6.96 25.75 -16.37
N SER A 522 -6.97 25.76 -16.37
CA SER A 522 -5.61 25.29 -16.77
CA SER A 522 -5.61 25.33 -16.79
C SER A 522 -4.60 25.44 -15.63
C SER A 522 -4.59 25.46 -15.65
N HIS A 523 -4.66 26.54 -14.87
CA HIS A 523 -3.66 26.84 -13.81
C HIS A 523 -3.99 26.20 -12.46
N TRP A 524 -5.18 25.61 -12.28
CA TRP A 524 -5.58 25.01 -10.97
C TRP A 524 -4.71 23.78 -10.68
N VAL A 525 -4.26 23.65 -9.44
CA VAL A 525 -3.22 22.65 -9.06
C VAL A 525 -3.91 21.35 -8.64
N PRO A 526 -3.49 20.19 -9.17
CA PRO A 526 -4.01 18.89 -8.73
C PRO A 526 -3.79 18.63 -7.23
N THR A 527 -4.83 18.16 -6.52
CA THR A 527 -4.78 17.82 -5.07
C THR A 527 -5.15 16.36 -4.81
N SER A 528 -4.90 15.92 -3.58
CA SER A 528 -5.18 14.57 -3.01
C SER A 528 -5.01 14.66 -1.49
N ARG A 529 -5.87 13.97 -0.72
CA ARG A 529 -5.91 14.06 0.78
C ARG A 529 -5.13 12.92 1.45
N THR A 530 -4.86 11.81 0.74
CA THR A 530 -4.05 10.66 1.25
C THR A 530 -3.01 10.24 0.18
N THR A 531 -1.93 11.03 0.05
CA THR A 531 -0.90 10.91 -1.03
C THR A 531 -0.23 9.53 -0.96
N ALA A 536 3.76 4.56 -4.07
CA ALA A 536 4.35 4.76 -5.42
C ALA A 536 4.86 6.20 -5.57
N THR A 537 5.52 6.49 -6.69
CA THR A 537 5.95 7.85 -7.12
C THR A 537 4.76 8.49 -7.84
N HIS A 538 4.50 9.79 -7.58
N HIS A 538 4.51 9.78 -7.58
CA HIS A 538 3.28 10.51 -8.04
CA HIS A 538 3.31 10.54 -8.01
C HIS A 538 3.67 11.63 -9.03
C HIS A 538 3.69 11.63 -9.02
N GLU A 539 4.23 11.25 -10.18
CA GLU A 539 4.70 12.20 -11.22
C GLU A 539 3.56 13.02 -11.87
N TRP A 540 2.30 12.62 -11.70
CA TRP A 540 1.12 13.33 -12.26
C TRP A 540 0.74 14.54 -11.40
N MET A 541 1.30 14.66 -10.18
CA MET A 541 0.96 15.74 -9.21
C MET A 541 1.87 16.95 -9.51
N THR A 542 1.50 17.75 -10.51
CA THR A 542 2.30 18.83 -11.14
C THR A 542 1.36 19.68 -12.00
N THR A 543 1.75 20.93 -12.27
CA THR A 543 1.10 21.82 -13.28
C THR A 543 1.89 21.83 -14.59
N GLU A 544 3.03 21.15 -14.61
CA GLU A 544 3.86 21.00 -15.85
C GLU A 544 2.99 20.35 -16.93
N ASP A 545 3.38 20.53 -18.19
CA ASP A 545 2.68 20.00 -19.39
C ASP A 545 2.75 18.47 -19.35
N MET A 546 1.66 17.74 -19.57
CA MET A 546 1.65 16.26 -19.38
C MET A 546 2.47 15.58 -20.48
N LEU A 547 2.57 16.13 -21.69
CA LEU A 547 3.46 15.50 -22.72
C LEU A 547 4.91 15.60 -22.26
N THR A 548 5.30 16.69 -21.58
CA THR A 548 6.69 16.86 -21.08
C THR A 548 6.97 15.81 -20.00
N VAL A 549 6.07 15.66 -19.06
CA VAL A 549 6.17 14.59 -18.01
C VAL A 549 6.21 13.21 -18.69
N TRP A 550 5.33 12.95 -19.67
CA TRP A 550 5.28 11.63 -20.33
C TRP A 550 6.68 11.32 -20.86
N ASN A 551 7.30 12.29 -21.56
CA ASN A 551 8.65 12.12 -22.15
C ASN A 551 9.68 11.85 -21.05
N ARG A 552 9.62 12.57 -19.93
CA ARG A 552 10.60 12.36 -18.83
C ARG A 552 10.47 10.91 -18.32
N VAL A 553 9.23 10.49 -18.03
CA VAL A 553 8.93 9.19 -17.33
C VAL A 553 9.19 8.01 -18.27
N TRP A 554 8.69 8.05 -19.52
CA TRP A 554 8.65 6.86 -20.40
C TRP A 554 9.91 6.79 -21.28
N ILE A 555 10.64 7.91 -21.47
CA ILE A 555 11.81 7.99 -22.39
C ILE A 555 13.08 8.36 -21.59
N GLN A 556 13.16 9.62 -21.15
CA GLN A 556 14.40 10.20 -20.55
C GLN A 556 14.89 9.35 -19.37
N GLU A 557 14.07 9.15 -18.35
CA GLU A 557 14.46 8.52 -17.05
C GLU A 557 14.21 7.00 -17.06
N ASN A 558 13.75 6.43 -18.18
CA ASN A 558 13.30 5.02 -18.27
C ASN A 558 14.54 4.17 -18.57
N PRO A 559 15.07 3.40 -17.59
CA PRO A 559 16.32 2.65 -17.79
C PRO A 559 16.25 1.50 -18.81
N TRP A 560 15.04 1.10 -19.24
CA TRP A 560 14.83 0.02 -20.25
C TRP A 560 14.68 0.62 -21.66
N MET A 561 14.75 1.94 -21.82
CA MET A 561 14.67 2.63 -23.15
C MET A 561 16.08 3.11 -23.52
N GLU A 562 16.72 2.49 -24.53
CA GLU A 562 18.08 2.86 -25.01
C GLU A 562 18.01 4.14 -25.85
N ASP A 563 17.12 4.22 -26.84
CA ASP A 563 16.97 5.41 -27.72
C ASP A 563 16.17 6.48 -26.97
N LYS A 564 16.77 7.65 -26.74
CA LYS A 564 16.15 8.73 -25.92
C LYS A 564 15.50 9.80 -26.81
N THR A 565 15.14 9.50 -28.07
CA THR A 565 14.48 10.46 -28.98
C THR A 565 13.15 10.90 -28.37
N PRO A 566 12.96 12.20 -28.02
CA PRO A 566 11.68 12.64 -27.46
C PRO A 566 10.51 12.31 -28.41
N VAL A 567 9.32 12.20 -27.83
CA VAL A 567 8.05 12.11 -28.60
C VAL A 567 7.54 13.55 -28.73
N GLU A 568 7.14 13.98 -29.94
CA GLU A 568 6.82 15.41 -30.23
C GLU A 568 5.31 15.67 -30.04
N SER A 569 4.44 14.65 -30.13
CA SER A 569 2.98 14.82 -29.92
C SER A 569 2.34 13.56 -29.31
N TRP A 570 1.14 13.74 -28.75
CA TRP A 570 0.33 12.63 -28.19
C TRP A 570 -0.01 11.60 -29.27
N GLU A 571 -0.05 11.98 -30.55
CA GLU A 571 -0.41 11.03 -31.63
C GLU A 571 0.71 9.98 -31.87
N GLU A 572 1.97 10.27 -31.54
CA GLU A 572 3.09 9.27 -31.57
C GLU A 572 2.88 8.15 -30.52
N ILE A 573 2.05 8.40 -29.50
CA ILE A 573 1.94 7.52 -28.29
C ILE A 573 0.81 6.52 -28.56
N PRO A 574 1.11 5.21 -28.59
CA PRO A 574 0.16 4.20 -29.05
C PRO A 574 -0.92 3.81 -28.03
N TYR A 575 -1.95 3.13 -28.54
CA TYR A 575 -3.01 2.45 -27.77
C TYR A 575 -2.77 0.94 -27.82
N LEU A 576 -3.36 0.20 -26.87
CA LEU A 576 -3.59 -1.25 -26.94
C LEU A 576 -4.34 -1.54 -28.26
N GLY A 577 -4.25 -2.75 -28.80
CA GLY A 577 -5.16 -3.16 -29.88
C GLY A 577 -6.60 -2.97 -29.43
N LYS A 578 -7.53 -2.74 -30.35
CA LYS A 578 -8.91 -2.40 -29.96
C LYS A 578 -9.57 -3.59 -29.26
N ARG A 579 -9.25 -4.83 -29.63
CA ARG A 579 -9.90 -5.99 -28.98
C ARG A 579 -9.35 -6.11 -27.56
N GLU A 580 -8.04 -5.97 -27.37
CA GLU A 580 -7.40 -5.96 -26.03
C GLU A 580 -8.04 -4.86 -25.15
N ASP A 581 -8.32 -3.70 -25.72
CA ASP A 581 -8.85 -2.54 -24.98
C ASP A 581 -10.24 -2.91 -24.49
N GLN A 582 -11.03 -3.57 -25.34
CA GLN A 582 -12.38 -4.10 -24.97
C GLN A 582 -12.27 -5.18 -23.90
N TRP A 583 -11.36 -6.15 -24.06
CA TRP A 583 -11.13 -7.23 -23.07
C TRP A 583 -10.89 -6.60 -21.68
N CYS A 584 -10.18 -5.46 -21.62
CA CYS A 584 -9.85 -4.81 -20.32
C CYS A 584 -10.89 -3.76 -19.94
N GLY A 585 -12.07 -3.81 -20.58
CA GLY A 585 -13.28 -3.07 -20.15
C GLY A 585 -13.64 -1.85 -20.99
N SER A 586 -12.95 -1.55 -22.10
CA SER A 586 -13.31 -0.38 -22.94
C SER A 586 -14.78 -0.50 -23.40
N LEU A 587 -15.44 0.64 -23.49
CA LEU A 587 -16.81 0.80 -24.07
C LEU A 587 -16.72 1.13 -25.57
N ILE A 588 -15.51 1.18 -26.15
CA ILE A 588 -15.34 1.43 -27.62
C ILE A 588 -16.20 0.40 -28.37
N GLY A 589 -16.96 0.86 -29.38
CA GLY A 589 -17.92 0.03 -30.14
C GLY A 589 -19.34 0.20 -29.64
N LEU A 590 -19.58 0.70 -28.43
CA LEU A 590 -20.97 0.93 -27.96
C LEU A 590 -21.48 2.28 -28.46
N THR A 591 -22.79 2.37 -28.67
CA THR A 591 -23.52 3.57 -29.10
C THR A 591 -23.39 4.65 -28.03
N SER A 592 -23.61 4.32 -26.76
CA SER A 592 -23.45 5.27 -25.62
C SER A 592 -22.09 5.98 -25.68
N ARG A 593 -21.04 5.23 -25.98
CA ARG A 593 -19.64 5.72 -25.98
C ARG A 593 -19.42 6.62 -27.20
N ALA A 594 -19.92 6.22 -28.37
CA ALA A 594 -19.84 7.02 -29.61
C ALA A 594 -20.52 8.40 -29.45
N THR A 595 -21.68 8.47 -28.82
CA THR A 595 -22.39 9.73 -28.60
C THR A 595 -21.56 10.64 -27.67
N TRP A 596 -21.08 10.05 -26.59
CA TRP A 596 -20.23 10.72 -25.57
C TRP A 596 -19.04 11.38 -26.27
N ALA A 597 -18.25 10.59 -26.99
CA ALA A 597 -17.03 11.03 -27.70
C ALA A 597 -17.35 12.18 -28.66
N LYS A 598 -18.36 11.98 -29.50
CA LYS A 598 -18.80 12.92 -30.57
C LYS A 598 -19.21 14.25 -29.94
N ASN A 599 -19.95 14.21 -28.83
CA ASN A 599 -20.54 15.38 -28.14
C ASN A 599 -19.71 15.80 -26.91
N ILE A 600 -18.44 15.48 -26.85
CA ILE A 600 -17.60 15.71 -25.62
C ILE A 600 -17.52 17.20 -25.26
N GLN A 601 -17.46 18.08 -26.28
N GLN A 601 -17.45 18.09 -26.27
CA GLN A 601 -17.34 19.55 -26.10
CA GLN A 601 -17.33 19.56 -26.05
C GLN A 601 -18.57 20.09 -25.35
C GLN A 601 -18.57 20.09 -25.33
N THR A 602 -19.73 19.46 -25.51
CA THR A 602 -20.96 19.82 -24.76
C THR A 602 -20.82 19.44 -23.28
N ALA A 603 -20.17 18.32 -22.95
CA ALA A 603 -20.03 17.92 -21.53
C ALA A 603 -19.00 18.85 -20.90
N ILE A 604 -17.91 19.09 -21.61
CA ILE A 604 -16.83 20.00 -21.15
C ILE A 604 -17.46 21.37 -20.84
N ASN A 605 -18.30 21.89 -21.72
CA ASN A 605 -18.99 23.19 -21.55
C ASN A 605 -19.93 23.16 -20.33
N GLN A 606 -20.65 22.06 -20.07
CA GLN A 606 -21.53 21.93 -18.86
C GLN A 606 -20.69 22.17 -17.58
N VAL A 607 -19.52 21.54 -17.47
CA VAL A 607 -18.67 21.63 -16.27
C VAL A 607 -18.05 23.05 -16.21
N ARG A 608 -17.59 23.58 -17.34
CA ARG A 608 -17.05 24.98 -17.39
C ARG A 608 -18.10 25.99 -16.88
N SER A 609 -19.35 25.86 -17.30
CA SER A 609 -20.47 26.73 -16.83
C SER A 609 -20.71 26.60 -15.32
N LEU A 610 -20.49 25.44 -14.72
CA LEU A 610 -20.74 25.24 -13.27
C LEU A 610 -19.63 25.90 -12.45
N ILE A 611 -18.40 25.71 -12.90
CA ILE A 611 -17.18 26.25 -12.26
C ILE A 611 -17.17 27.77 -12.43
N GLY A 612 -17.48 28.28 -13.64
CA GLY A 612 -17.69 29.71 -13.92
C GLY A 612 -16.70 30.28 -14.93
N ASN A 613 -16.53 31.61 -14.94
CA ASN A 613 -15.73 32.33 -15.97
C ASN A 613 -14.26 32.33 -15.50
N GLU A 614 -13.47 31.41 -16.02
CA GLU A 614 -12.08 31.10 -15.57
C GLU A 614 -11.27 30.93 -16.86
N GLU A 615 -9.96 30.79 -16.77
CA GLU A 615 -9.11 30.52 -17.95
C GLU A 615 -9.02 29.00 -18.13
N TYR A 616 -9.56 28.49 -19.23
CA TYR A 616 -9.55 27.07 -19.67
C TYR A 616 -8.66 26.87 -20.91
N THR A 617 -8.11 25.65 -21.08
CA THR A 617 -7.44 25.14 -22.32
C THR A 617 -8.26 24.01 -22.98
N ASP A 618 -8.33 23.97 -24.32
CA ASP A 618 -8.91 22.84 -25.09
C ASP A 618 -7.78 21.85 -25.40
N TYR A 619 -7.76 20.72 -24.69
CA TYR A 619 -6.79 19.62 -24.92
C TYR A 619 -7.32 18.62 -25.97
N MET A 620 -8.61 18.68 -26.34
CA MET A 620 -9.23 17.66 -27.23
C MET A 620 -8.53 17.58 -28.61
N PRO A 621 -8.03 18.68 -29.24
CA PRO A 621 -7.25 18.57 -30.49
C PRO A 621 -5.88 17.87 -30.42
N SER A 622 -5.39 17.52 -29.23
CA SER A 622 -4.22 16.61 -29.03
C SER A 622 -4.53 15.19 -29.54
N MET A 623 -5.81 14.87 -29.78
CA MET A 623 -6.27 13.55 -30.33
C MET A 623 -6.67 13.74 -31.80
N LYS A 624 -6.42 12.72 -32.63
CA LYS A 624 -6.63 12.78 -34.10
C LYS A 624 -8.07 13.19 -34.49
N ARG A 625 -9.07 12.61 -33.85
CA ARG A 625 -10.50 12.70 -34.26
C ARG A 625 -11.06 14.11 -33.99
N PHE A 626 -10.46 14.85 -33.04
CA PHE A 626 -10.91 16.23 -32.68
C PHE A 626 -9.96 17.28 -33.31
N ARG A 627 -8.76 16.84 -33.70
CA ARG A 627 -7.80 17.69 -34.47
C ARG A 627 -8.47 18.01 -35.82
N ARG A 628 -9.56 18.80 -35.80
CA ARG A 628 -10.52 18.99 -36.92
C ARG A 628 -11.19 17.65 -37.25
ZN ZN B . -5.18 -4.78 -19.63
ZN ZN C . 3.81 4.70 24.60
O1 MES D . -21.53 21.07 -8.21
O1 MES D . -21.32 20.80 -8.31
C2 MES D . -22.93 20.81 -8.14
C2 MES D . -22.70 20.53 -8.46
C3 MES D . -23.20 19.33 -7.98
C3 MES D . -22.96 19.09 -8.83
N4 MES D . -22.61 18.59 -9.15
N4 MES D . -22.24 18.76 -10.11
C5 MES D . -21.15 18.90 -9.21
C5 MES D . -20.80 19.11 -9.96
C6 MES D . -20.94 20.38 -9.30
C6 MES D . -20.65 20.54 -9.54
C7 MES D . -22.86 17.11 -9.07
C7 MES D . -22.42 17.33 -10.51
C8 MES D . -22.65 16.42 -10.40
C8 MES D . -22.92 16.45 -9.37
S MES D . -22.99 14.68 -10.33
S MES D . -23.58 14.90 -9.96
O1S MES D . -24.43 14.59 -10.27
O1S MES D . -23.99 15.13 -11.31
O2S MES D . -22.42 14.11 -11.52
O2S MES D . -22.50 13.95 -9.87
O3S MES D . -22.37 14.20 -9.13
O3S MES D . -24.67 14.58 -9.09
S DMS E . -4.07 16.79 -20.96
O DMS E . -3.06 16.64 -22.08
C1 DMS E . -3.20 17.54 -19.62
C2 DMS E . -4.22 15.17 -20.25
S DMS F . -2.44 7.17 -32.71
O DMS F . -1.94 7.33 -31.30
C1 DMS F . -3.91 8.16 -32.82
C2 DMS F . -3.19 5.56 -32.80
S DMS G . -4.82 10.21 -7.03
O DMS G . -3.55 11.01 -7.00
C1 DMS G . -4.32 8.53 -7.24
C2 DMS G . -5.45 10.49 -8.65
P PO4 H . -0.67 -11.54 -5.82
O1 PO4 H . -1.70 -12.57 -6.51
O2 PO4 H . 0.36 -12.33 -4.89
O3 PO4 H . 0.14 -10.69 -6.94
O4 PO4 H . -1.47 -10.60 -4.98
P PO4 I . 18.22 -6.91 21.43
O1 PO4 I . 16.77 -7.43 21.48
O2 PO4 I . 19.16 -8.01 20.89
O3 PO4 I . 18.30 -5.69 20.49
O4 PO4 I . 18.69 -6.51 22.83
C1 PEG J . 19.74 -1.89 -14.00
O1 PEG J . 19.60 -0.48 -13.94
C2 PEG J . 19.65 -2.40 -15.40
O2 PEG J . 18.28 -2.45 -15.80
C3 PEG J . 18.06 -3.21 -16.98
C4 PEG J . 17.98 -4.67 -16.63
O4 PEG J . 17.52 -5.46 -17.71
N1 W3G K . 14.53 -0.25 -10.85
O W3G K . 15.23 1.70 -11.77
C W3G K . 15.27 0.45 -11.74
N W3G K . 14.47 -1.60 -10.72
C3 W3G K . 15.20 -2.29 -11.54
C2 W3G K . 16.03 -1.73 -12.53
C1 W3G K . 16.06 -0.36 -12.63
#